data_3LSG
#
_entry.id   3LSG
#
_cell.length_a   66.224
_cell.length_b   66.224
_cell.length_c   245.401
_cell.angle_alpha   90.00
_cell.angle_beta   90.00
_cell.angle_gamma   120.00
#
_symmetry.space_group_name_H-M   'P 31 2 1'
#
loop_
_entity.id
_entity.type
_entity.pdbx_description
1 polymer 'Two-component response regulator yesN'
2 non-polymer 'PHOSPHATE ION'
3 water water
#
_entity_poly.entity_id   1
_entity_poly.type   'polypeptide(L)'
_entity_poly.pdbx_seq_one_letter_code
;SNAKELIQNIIEESYTDSQFTLSVLSEKLDLSSGYLSI(MSE)FKKNFGIPFQDYLLQKR(MSE)EKAKLLLLTTELKNY
EIAEQVGFEDVNYFITKFKKYYQITPKQYRE
;
_entity_poly.pdbx_strand_id   A,B,C,D,E
#
# COMPACT_ATOMS: atom_id res chain seq x y z
N SER A 1 -31.31 14.18 17.80
CA SER A 1 -30.35 13.91 18.86
C SER A 1 -29.04 14.64 18.60
N ASN A 2 -28.69 15.56 19.48
CA ASN A 2 -27.41 16.26 19.40
C ASN A 2 -26.23 15.31 19.65
N ALA A 3 -26.39 14.40 20.60
CA ALA A 3 -25.30 13.50 20.94
C ALA A 3 -25.04 12.50 19.81
N LYS A 4 -26.09 12.15 19.08
CA LYS A 4 -25.93 11.28 17.92
C LYS A 4 -25.17 12.02 16.82
N GLU A 5 -25.45 13.32 16.67
CA GLU A 5 -24.82 14.11 15.62
C GLU A 5 -23.36 14.42 15.94
N LEU A 6 -23.07 14.58 17.23
CA LEU A 6 -21.69 14.71 17.69
C LEU A 6 -20.89 13.48 17.30
N ILE A 7 -21.42 12.30 17.63
CA ILE A 7 -20.80 11.03 17.28
C ILE A 7 -20.62 10.89 15.77
N GLN A 8 -21.65 11.25 15.02
CA GLN A 8 -21.56 11.23 13.55
C GLN A 8 -20.43 12.09 13.03
N ASN A 9 -20.28 13.28 13.60
CA ASN A 9 -19.26 14.22 13.16
C ASN A 9 -17.85 13.72 13.43
N ILE A 10 -17.63 13.20 14.63
CA ILE A 10 -16.34 12.68 15.00
C ILE A 10 -15.96 11.57 14.02
N ILE A 11 -16.88 10.67 13.76
CA ILE A 11 -16.59 9.57 12.86
C ILE A 11 -16.33 10.06 11.43
N GLU A 12 -17.07 11.07 10.98
CA GLU A 12 -16.86 11.60 9.64
C GLU A 12 -15.45 12.20 9.48
N GLU A 13 -14.99 12.82 10.56
CA GLU A 13 -13.69 13.46 10.58
C GLU A 13 -12.59 12.42 10.73
N SER A 14 -12.91 11.30 11.38
CA SER A 14 -11.87 10.39 11.85
C SER A 14 -11.72 9.07 11.10
N TYR A 15 -12.70 8.73 10.27
CA TYR A 15 -12.72 7.36 9.72
C TYR A 15 -11.54 7.06 8.80
N THR A 16 -10.93 8.11 8.25
CA THR A 16 -9.75 7.91 7.38
C THR A 16 -8.49 7.63 8.18
N ASP A 17 -8.58 7.74 9.51
CA ASP A 17 -7.45 7.46 10.40
C ASP A 17 -7.43 5.99 10.80
N SER A 18 -6.38 5.29 10.40
CA SER A 18 -6.29 3.86 10.66
C SER A 18 -6.20 3.57 12.15
N GLN A 19 -5.85 4.58 12.96
CA GLN A 19 -5.74 4.38 14.41
C GLN A 19 -7.06 4.70 15.16
N PHE A 20 -8.10 5.08 14.43
CA PHE A 20 -9.39 5.42 15.01
C PHE A 20 -10.18 4.16 15.39
N THR A 21 -10.47 4.00 16.68
CA THR A 21 -11.14 2.83 17.21
C THR A 21 -12.26 3.23 18.16
N LEU A 22 -12.97 2.23 18.67
CA LEU A 22 -14.02 2.45 19.66
C LEU A 22 -13.47 3.21 20.86
N SER A 23 -12.26 2.82 21.29
CA SER A 23 -11.60 3.44 22.45
C SER A 23 -11.23 4.91 22.25
N VAL A 24 -10.82 5.27 21.05
CA VAL A 24 -10.51 6.66 20.73
C VAL A 24 -11.80 7.47 20.79
N LEU A 25 -12.88 6.94 20.20
CA LEU A 25 -14.17 7.62 20.27
C LEU A 25 -14.65 7.78 21.71
N SER A 26 -14.58 6.72 22.49
CA SER A 26 -15.15 6.75 23.82
C SER A 26 -14.40 7.81 24.65
N GLU A 27 -13.10 7.88 24.46
CA GLU A 27 -12.25 8.85 25.16
C GLU A 27 -12.64 10.28 24.79
N LYS A 28 -12.96 10.47 23.52
CA LYS A 28 -13.40 11.78 23.06
C LYS A 28 -14.73 12.16 23.70
N LEU A 29 -15.53 11.16 24.06
CA LEU A 29 -16.85 11.44 24.59
C LEU A 29 -16.90 11.37 26.11
N ASP A 30 -15.76 11.13 26.74
CA ASP A 30 -15.68 10.96 28.21
C ASP A 30 -16.46 9.73 28.69
N LEU A 31 -16.50 8.69 27.87
CA LEU A 31 -17.24 7.47 28.21
C LEU A 31 -16.31 6.26 28.22
N SER A 32 -16.69 5.21 28.92
CA SER A 32 -16.02 3.93 28.75
C SER A 32 -16.42 3.29 27.41
N SER A 33 -15.53 2.50 26.85
CA SER A 33 -15.83 1.75 25.63
C SER A 33 -17.01 0.80 25.83
N GLY A 34 -17.05 0.18 27.00
CA GLY A 34 -18.14 -0.71 27.38
C GLY A 34 -19.50 -0.04 27.32
N TYR A 35 -19.63 1.14 27.91
CA TYR A 35 -20.89 1.87 27.81
C TYR A 35 -21.16 2.42 26.40
N LEU A 36 -20.15 3.00 25.77
CA LEU A 36 -20.36 3.51 24.40
C LEU A 36 -20.84 2.40 23.47
N SER A 37 -20.27 1.21 23.59
CA SER A 37 -20.67 0.12 22.70
C SER A 37 -22.18 -0.10 22.74
N ILE A 38 -22.71 -0.18 23.96
CA ILE A 38 -24.15 -0.33 24.19
C ILE A 38 -24.96 0.88 23.73
N PHE A 40 -24.09 3.23 21.57
CA PHE A 40 -23.99 3.40 20.13
C PHE A 40 -25.00 2.51 19.44
N LYS A 41 -24.98 1.23 19.78
CA LYS A 41 -25.87 0.25 19.17
C LYS A 41 -27.33 0.61 19.43
N LYS A 42 -27.60 1.16 20.61
CA LYS A 42 -28.95 1.63 20.89
C LYS A 42 -29.34 2.75 19.93
N ASN A 43 -28.47 3.75 19.78
CA ASN A 43 -28.78 4.93 18.97
C ASN A 43 -28.73 4.78 17.44
N PHE A 44 -27.81 3.96 16.95
CA PHE A 44 -27.58 3.83 15.52
C PHE A 44 -28.17 2.53 14.95
N GLY A 45 -28.46 1.59 15.84
CA GLY A 45 -29.08 0.34 15.44
C GLY A 45 -28.12 -0.76 15.03
N ILE A 46 -26.84 -0.41 14.89
CA ILE A 46 -25.82 -1.39 14.56
C ILE A 46 -24.61 -1.04 15.40
N PRO A 47 -23.68 -1.99 15.56
CA PRO A 47 -22.47 -1.81 16.37
C PRO A 47 -21.57 -0.70 15.80
N PHE A 48 -20.84 -0.03 16.69
CA PHE A 48 -19.89 1.00 16.24
C PHE A 48 -18.97 0.51 15.13
N GLN A 49 -18.41 -0.69 15.30
CA GLN A 49 -17.47 -1.23 14.32
C GLN A 49 -18.08 -1.39 12.92
N ASP A 50 -19.35 -1.79 12.85
CA ASP A 50 -20.05 -1.98 11.58
C ASP A 50 -20.32 -0.61 10.94
N TYR A 51 -20.68 0.36 11.76
CA TYR A 51 -20.92 1.71 11.26
C TYR A 51 -19.62 2.28 10.70
N LEU A 52 -18.52 2.05 11.41
CA LEU A 52 -17.24 2.58 10.97
C LEU A 52 -16.84 1.90 9.65
N LEU A 53 -17.00 0.58 9.61
CA LEU A 53 -16.72 -0.17 8.39
C LEU A 53 -17.54 0.37 7.21
N GLN A 54 -18.83 0.60 7.44
CA GLN A 54 -19.69 1.12 6.37
C GLN A 54 -19.21 2.47 5.82
N LYS A 55 -18.81 3.39 6.69
CA LYS A 55 -18.30 4.67 6.21
C LYS A 55 -17.06 4.49 5.32
N ARG A 56 -16.17 3.60 5.74
CA ARG A 56 -14.97 3.33 4.96
C ARG A 56 -15.25 2.63 3.61
N GLU A 58 -18.09 2.80 1.88
CA GLU A 58 -18.77 3.76 1.03
C GLU A 58 -17.76 4.71 0.39
N LYS A 59 -16.76 5.15 1.16
CA LYS A 59 -15.71 6.00 0.62
C LYS A 59 -14.86 5.21 -0.39
N ALA A 60 -14.60 3.92 -0.10
CA ALA A 60 -13.82 3.10 -1.01
C ALA A 60 -14.55 3.00 -2.35
N LYS A 61 -15.86 2.76 -2.28
CA LYS A 61 -16.70 2.72 -3.47
C LYS A 61 -16.55 3.99 -4.30
N LEU A 62 -16.66 5.14 -3.62
CA LEU A 62 -16.55 6.42 -4.28
C LEU A 62 -15.21 6.57 -5.02
N LEU A 63 -14.12 6.26 -4.33
CA LEU A 63 -12.80 6.39 -4.95
C LEU A 63 -12.59 5.43 -6.13
N LEU A 64 -13.07 4.20 -5.98
CA LEU A 64 -12.97 3.22 -7.07
C LEU A 64 -13.65 3.70 -8.35
N LEU A 65 -14.80 4.35 -8.21
CA LEU A 65 -15.59 4.75 -9.37
C LEU A 65 -15.17 6.11 -9.92
N THR A 66 -14.49 6.92 -9.12
CA THR A 66 -14.19 8.27 -9.55
C THR A 66 -12.71 8.55 -9.79
N THR A 67 -11.85 7.59 -9.45
CA THR A 67 -10.42 7.79 -9.60
C THR A 67 -9.74 6.58 -10.22
N GLU A 68 -8.43 6.71 -10.45
CA GLU A 68 -7.60 5.63 -10.95
C GLU A 68 -6.63 5.15 -9.87
N LEU A 69 -6.90 5.54 -8.63
CA LEU A 69 -6.10 5.11 -7.49
C LEU A 69 -5.96 3.59 -7.42
N LYS A 70 -4.77 3.11 -7.05
CA LYS A 70 -4.55 1.68 -6.78
C LYS A 70 -5.19 1.27 -5.46
N ASN A 71 -5.41 -0.03 -5.29
CA ASN A 71 -6.00 -0.53 -4.04
C ASN A 71 -5.20 -0.09 -2.81
N TYR A 72 -3.88 -0.15 -2.89
CA TYR A 72 -3.07 0.23 -1.72
C TYR A 72 -3.28 1.70 -1.38
N GLU A 73 -3.62 2.52 -2.37
CA GLU A 73 -3.88 3.94 -2.12
C GLU A 73 -5.26 4.18 -1.53
N ILE A 74 -6.26 3.53 -2.11
CA ILE A 74 -7.60 3.59 -1.57
C ILE A 74 -7.64 3.04 -0.15
N ALA A 75 -6.98 1.91 0.10
CA ALA A 75 -6.92 1.35 1.45
C ALA A 75 -6.41 2.41 2.43
N GLU A 76 -5.31 3.05 2.07
CA GLU A 76 -4.72 4.07 2.92
C GLU A 76 -5.69 5.22 3.17
N GLN A 77 -6.41 5.61 2.14
CA GLN A 77 -7.29 6.76 2.23
C GLN A 77 -8.59 6.49 2.98
N VAL A 78 -8.89 5.23 3.23
CA VAL A 78 -10.11 4.91 4.00
C VAL A 78 -9.79 4.27 5.34
N GLY A 79 -8.55 4.45 5.79
CA GLY A 79 -8.20 4.04 7.13
C GLY A 79 -7.67 2.62 7.31
N PHE A 80 -7.22 1.99 6.23
CA PHE A 80 -6.65 0.63 6.31
C PHE A 80 -5.14 0.66 6.07
N GLU A 81 -4.35 0.15 7.01
CA GLU A 81 -2.91 0.10 6.76
C GLU A 81 -2.53 -1.11 5.94
N ASP A 82 -3.40 -2.12 5.91
CA ASP A 82 -3.13 -3.35 5.18
C ASP A 82 -4.02 -3.47 3.95
N VAL A 83 -3.44 -3.31 2.76
CA VAL A 83 -4.23 -3.39 1.52
C VAL A 83 -4.96 -4.72 1.33
N ASN A 84 -4.36 -5.82 1.76
CA ASN A 84 -5.03 -7.11 1.60
C ASN A 84 -6.18 -7.30 2.56
N TYR A 85 -6.05 -6.76 3.76
CA TYR A 85 -7.14 -6.77 4.72
C TYR A 85 -8.30 -5.91 4.20
N PHE A 86 -7.96 -4.72 3.70
CA PHE A 86 -8.93 -3.89 2.98
C PHE A 86 -9.69 -4.67 1.89
N ILE A 87 -8.96 -5.41 1.06
CA ILE A 87 -9.60 -6.18 0.00
C ILE A 87 -10.56 -7.24 0.56
N THR A 88 -10.16 -7.91 1.64
CA THR A 88 -11.03 -8.91 2.26
C THR A 88 -12.29 -8.31 2.86
N LYS A 89 -12.19 -7.12 3.47
CA LYS A 89 -13.37 -6.48 4.04
C LYS A 89 -14.30 -6.02 2.90
N PHE A 90 -13.71 -5.41 1.86
CA PHE A 90 -14.48 -4.92 0.74
C PHE A 90 -15.25 -6.07 0.10
N LYS A 91 -14.57 -7.21 -0.10
CA LYS A 91 -15.20 -8.34 -0.74
C LYS A 91 -16.34 -8.90 0.13
N LYS A 92 -16.17 -8.86 1.44
CA LYS A 92 -17.26 -9.33 2.31
C LYS A 92 -18.42 -8.35 2.27
N TYR A 93 -18.11 -7.06 2.15
CA TYR A 93 -19.15 -6.02 2.16
C TYR A 93 -19.91 -5.97 0.81
N TYR A 94 -19.17 -5.98 -0.29
CA TYR A 94 -19.79 -5.82 -1.60
C TYR A 94 -19.92 -7.13 -2.39
N GLN A 95 -19.40 -8.22 -1.81
CA GLN A 95 -19.42 -9.54 -2.44
C GLN A 95 -18.52 -9.69 -3.68
N ILE A 96 -17.85 -8.61 -4.10
CA ILE A 96 -16.81 -8.70 -5.14
C ILE A 96 -15.58 -7.87 -4.71
N THR A 97 -14.46 -8.03 -5.41
CA THR A 97 -13.22 -7.34 -5.05
C THR A 97 -13.24 -5.90 -5.55
N PRO A 98 -12.34 -5.05 -5.02
CA PRO A 98 -12.23 -3.69 -5.53
C PRO A 98 -11.94 -3.65 -7.02
N LYS A 99 -11.02 -4.49 -7.49
CA LYS A 99 -10.75 -4.54 -8.92
C LYS A 99 -12.02 -4.89 -9.66
N GLN A 100 -12.72 -5.91 -9.19
CA GLN A 100 -13.91 -6.39 -9.91
C GLN A 100 -14.97 -5.29 -9.89
N TYR A 101 -14.96 -4.50 -8.83
CA TYR A 101 -15.94 -3.43 -8.68
C TYR A 101 -15.79 -2.40 -9.80
N ARG A 102 -14.57 -2.26 -10.31
CA ARG A 102 -14.30 -1.35 -11.43
C ARG A 102 -14.60 -1.96 -12.79
N GLU A 103 -14.94 -3.25 -12.83
CA GLU A 103 -15.13 -3.93 -14.12
C GLU A 103 -16.50 -3.64 -14.75
N SER B 1 10.46 -20.12 9.01
CA SER B 1 11.75 -19.45 9.16
C SER B 1 11.95 -18.93 10.58
N ASN B 2 13.15 -18.44 10.88
CA ASN B 2 13.35 -17.72 12.12
C ASN B 2 12.57 -16.42 12.04
N ALA B 3 12.31 -15.98 10.81
CA ALA B 3 11.55 -14.77 10.59
C ALA B 3 10.12 -14.94 11.08
N LYS B 4 9.45 -15.99 10.60
CA LYS B 4 8.10 -16.29 11.04
C LYS B 4 8.04 -16.46 12.55
N GLU B 5 9.05 -17.11 13.13
CA GLU B 5 9.08 -17.36 14.58
C GLU B 5 9.27 -16.06 15.36
N LEU B 6 10.14 -15.19 14.87
CA LEU B 6 10.35 -13.91 15.51
C LEU B 6 9.04 -13.14 15.56
N ILE B 7 8.34 -13.09 14.43
CA ILE B 7 7.10 -12.32 14.35
C ILE B 7 6.04 -12.92 15.27
N GLN B 8 5.97 -14.25 15.32
CA GLN B 8 5.03 -14.95 16.21
C GLN B 8 5.28 -14.68 17.69
N ASN B 9 6.54 -14.74 18.10
CA ASN B 9 6.88 -14.48 19.49
C ASN B 9 6.41 -13.11 19.91
N ILE B 10 6.67 -12.11 19.07
CA ILE B 10 6.23 -10.74 19.34
C ILE B 10 4.72 -10.62 19.45
N ILE B 11 4.01 -11.23 18.51
CA ILE B 11 2.55 -11.21 18.58
C ILE B 11 2.05 -11.91 19.84
N GLU B 12 2.67 -13.03 20.17
CA GLU B 12 2.30 -13.79 21.37
C GLU B 12 2.40 -12.95 22.64
N GLU B 13 3.39 -12.06 22.69
CA GLU B 13 3.57 -11.22 23.85
C GLU B 13 2.59 -10.04 23.94
N SER B 14 1.86 -9.80 22.85
CA SER B 14 1.09 -8.56 22.76
C SER B 14 -0.39 -8.69 22.39
N TYR B 15 -0.82 -9.86 21.93
CA TYR B 15 -2.16 -9.99 21.32
C TYR B 15 -3.27 -9.65 22.30
N THR B 16 -2.92 -9.70 23.57
CA THR B 16 -3.86 -9.49 24.65
C THR B 16 -4.19 -8.01 24.85
N ASP B 17 -3.41 -7.14 24.22
CA ASP B 17 -3.57 -5.70 24.34
C ASP B 17 -4.46 -5.17 23.22
N SER B 18 -5.59 -4.54 23.58
CA SER B 18 -6.56 -4.12 22.56
C SER B 18 -5.95 -3.03 21.67
N GLN B 19 -4.87 -2.42 22.14
CA GLN B 19 -4.22 -1.39 21.37
C GLN B 19 -3.11 -1.94 20.46
N PHE B 20 -2.99 -3.26 20.40
CA PHE B 20 -1.98 -3.87 19.56
C PHE B 20 -2.49 -3.92 18.13
N THR B 21 -1.80 -3.23 17.22
CA THR B 21 -2.19 -3.13 15.82
C THR B 21 -1.00 -3.34 14.90
N LEU B 22 -1.27 -3.38 13.61
CA LEU B 22 -0.22 -3.63 12.64
C LEU B 22 0.88 -2.57 12.78
N SER B 23 0.50 -1.33 13.06
CA SER B 23 1.49 -0.27 13.21
C SER B 23 2.37 -0.49 14.44
N VAL B 24 1.82 -1.03 15.52
CA VAL B 24 2.66 -1.40 16.66
C VAL B 24 3.66 -2.50 16.29
N LEU B 25 3.19 -3.53 15.58
CA LEU B 25 4.07 -4.59 15.11
C LEU B 25 5.19 -4.02 14.24
N SER B 26 4.82 -3.12 13.32
CA SER B 26 5.81 -2.45 12.47
C SER B 26 6.90 -1.77 13.29
N GLU B 27 6.51 -1.11 14.38
CA GLU B 27 7.47 -0.42 15.23
C GLU B 27 8.40 -1.43 15.86
N LYS B 28 7.83 -2.56 16.28
CA LYS B 28 8.59 -3.57 16.97
C LYS B 28 9.53 -4.34 16.05
N LEU B 29 9.18 -4.41 14.76
CA LEU B 29 10.04 -5.08 13.79
C LEU B 29 10.97 -4.09 13.08
N ASP B 30 10.75 -2.80 13.30
CA ASP B 30 11.41 -1.74 12.56
C ASP B 30 11.18 -1.86 11.04
N LEU B 31 9.92 -2.06 10.65
CA LEU B 31 9.53 -2.18 9.24
C LEU B 31 8.29 -1.32 9.02
N SER B 32 8.17 -0.66 7.87
CA SER B 32 6.98 0.14 7.59
C SER B 32 5.76 -0.77 7.41
N SER B 33 4.57 -0.25 7.67
CA SER B 33 3.38 -1.06 7.52
C SER B 33 3.20 -1.48 6.06
N GLY B 34 3.65 -0.63 5.15
CA GLY B 34 3.59 -0.93 3.73
C GLY B 34 4.34 -2.20 3.41
N TYR B 35 5.55 -2.33 3.93
CA TYR B 35 6.33 -3.54 3.68
C TYR B 35 5.79 -4.72 4.49
N LEU B 36 5.52 -4.48 5.77
CA LEU B 36 5.10 -5.54 6.66
C LEU B 36 3.79 -6.19 6.22
N SER B 37 2.85 -5.36 5.75
CA SER B 37 1.57 -5.86 5.24
C SER B 37 1.80 -7.03 4.27
N ILE B 38 2.60 -6.76 3.25
CA ILE B 38 2.85 -7.76 2.21
C ILE B 38 3.73 -8.91 2.71
N PHE B 40 4.14 -10.04 5.72
CA PHE B 40 3.38 -10.89 6.65
C PHE B 40 2.49 -11.91 5.90
N LYS B 41 1.72 -11.44 4.94
CA LYS B 41 0.83 -12.32 4.20
C LYS B 41 1.59 -13.41 3.44
N LYS B 42 2.70 -13.04 2.82
CA LYS B 42 3.61 -14.03 2.21
C LYS B 42 4.01 -15.15 3.18
N ASN B 43 4.31 -14.78 4.43
CA ASN B 43 4.83 -15.78 5.36
C ASN B 43 3.75 -16.57 6.08
N PHE B 44 2.64 -15.91 6.39
CA PHE B 44 1.58 -16.54 7.16
C PHE B 44 0.38 -16.95 6.33
N GLY B 45 0.33 -16.54 5.06
CA GLY B 45 -0.78 -16.90 4.18
C GLY B 45 -2.09 -16.12 4.38
N ILE B 46 -2.17 -15.35 5.45
CA ILE B 46 -3.32 -14.48 5.69
C ILE B 46 -2.81 -13.14 6.20
N PRO B 47 -3.65 -12.09 6.10
CA PRO B 47 -3.26 -10.78 6.64
C PRO B 47 -3.05 -10.83 8.16
N PHE B 48 -2.19 -9.94 8.65
CA PHE B 48 -1.91 -9.81 10.08
C PHE B 48 -3.17 -9.73 10.94
N GLN B 49 -4.13 -8.90 10.55
CA GLN B 49 -5.34 -8.71 11.36
C GLN B 49 -6.16 -9.99 11.50
N ASP B 50 -6.15 -10.80 10.45
CA ASP B 50 -6.79 -12.11 10.54
C ASP B 50 -6.01 -13.06 11.43
N TYR B 51 -4.69 -13.00 11.36
CA TYR B 51 -3.87 -13.84 12.25
C TYR B 51 -4.08 -13.41 13.70
N LEU B 52 -4.10 -12.12 13.92
CA LEU B 52 -4.35 -11.59 15.27
C LEU B 52 -5.70 -12.07 15.79
N LEU B 53 -6.74 -11.96 14.97
CA LEU B 53 -8.05 -12.45 15.38
C LEU B 53 -7.96 -13.93 15.77
N GLN B 54 -7.26 -14.70 14.95
CA GLN B 54 -7.13 -16.13 15.22
C GLN B 54 -6.54 -16.42 16.60
N LYS B 55 -5.45 -15.73 16.97
CA LYS B 55 -4.84 -15.95 18.27
C LYS B 55 -5.83 -15.63 19.39
N ARG B 56 -6.61 -14.56 19.21
CA ARG B 56 -7.53 -14.12 20.24
C ARG B 56 -8.69 -15.08 20.42
N GLU B 58 -8.56 -18.38 19.74
CA GLU B 58 -8.00 -19.57 20.37
C GLU B 58 -7.84 -19.33 21.86
N LYS B 59 -7.37 -18.14 22.24
CA LYS B 59 -7.26 -17.87 23.66
C LYS B 59 -8.66 -17.85 24.29
N ALA B 60 -9.66 -17.37 23.54
CA ALA B 60 -11.03 -17.34 24.05
C ALA B 60 -11.50 -18.74 24.42
N LYS B 61 -11.21 -19.72 23.57
CA LYS B 61 -11.62 -21.10 23.85
C LYS B 61 -10.90 -21.67 25.05
N LEU B 62 -9.60 -21.45 25.13
CA LEU B 62 -8.85 -21.94 26.27
C LEU B 62 -9.46 -21.37 27.57
N LEU B 63 -9.80 -20.08 27.56
CA LEU B 63 -10.43 -19.49 28.74
C LEU B 63 -11.79 -20.07 29.06
N LEU B 64 -12.60 -20.30 28.03
CA LEU B 64 -13.95 -20.81 28.23
C LEU B 64 -13.89 -22.23 28.78
N LEU B 65 -12.91 -23.00 28.31
CA LEU B 65 -12.80 -24.40 28.68
C LEU B 65 -12.27 -24.55 30.09
N THR B 66 -11.35 -23.67 30.46
CA THR B 66 -10.59 -23.85 31.71
C THR B 66 -11.01 -22.91 32.86
N THR B 67 -11.94 -21.99 32.61
CA THR B 67 -12.39 -21.09 33.66
C THR B 67 -13.89 -20.90 33.63
N GLU B 68 -14.38 -20.21 34.64
CA GLU B 68 -15.79 -19.82 34.67
C GLU B 68 -15.90 -18.31 34.40
N LEU B 69 -14.88 -17.75 33.77
CA LEU B 69 -14.94 -16.35 33.35
C LEU B 69 -16.19 -16.07 32.51
N LYS B 70 -16.80 -14.92 32.71
CA LYS B 70 -17.96 -14.51 31.91
C LYS B 70 -17.45 -13.92 30.58
N ASN B 71 -18.33 -13.83 29.58
CA ASN B 71 -17.93 -13.29 28.27
C ASN B 71 -17.27 -11.91 28.32
N TYR B 72 -17.74 -11.04 29.22
CA TYR B 72 -17.16 -9.69 29.28
C TYR B 72 -15.74 -9.72 29.79
N GLU B 73 -15.46 -10.67 30.69
CA GLU B 73 -14.12 -10.79 31.21
C GLU B 73 -13.20 -11.38 30.15
N ILE B 74 -13.66 -12.43 29.49
CA ILE B 74 -12.90 -13.03 28.40
C ILE B 74 -12.59 -12.00 27.30
N ALA B 75 -13.61 -11.26 26.87
CA ALA B 75 -13.42 -10.22 25.85
C ALA B 75 -12.29 -9.27 26.23
N GLU B 76 -12.31 -8.81 27.48
CA GLU B 76 -11.26 -7.96 28.00
C GLU B 76 -9.90 -8.64 27.93
N GLN B 77 -9.85 -9.89 28.35
CA GLN B 77 -8.56 -10.57 28.46
C GLN B 77 -7.95 -10.99 27.13
N VAL B 78 -8.76 -11.11 26.07
CA VAL B 78 -8.19 -11.42 24.77
C VAL B 78 -8.07 -10.22 23.84
N GLY B 79 -8.17 -9.01 24.38
CA GLY B 79 -7.85 -7.81 23.64
C GLY B 79 -8.98 -7.13 22.87
N PHE B 80 -10.23 -7.44 23.19
CA PHE B 80 -11.38 -6.76 22.58
C PHE B 80 -11.74 -5.55 23.40
N GLU B 81 -12.44 -4.59 22.79
CA GLU B 81 -12.78 -3.33 23.45
C GLU B 81 -14.17 -3.35 24.09
N ASP B 82 -14.99 -4.34 23.71
CA ASP B 82 -16.33 -4.38 24.26
C ASP B 82 -16.89 -5.78 24.08
N VAL B 83 -17.78 -6.18 24.97
CA VAL B 83 -18.24 -7.57 24.97
C VAL B 83 -19.06 -7.93 23.74
N ASN B 84 -19.90 -7.01 23.26
CA ASN B 84 -20.79 -7.38 22.17
C ASN B 84 -20.01 -7.69 20.89
N TYR B 85 -18.97 -6.92 20.62
CA TYR B 85 -18.18 -7.20 19.43
C TYR B 85 -17.45 -8.54 19.57
N PHE B 86 -16.96 -8.84 20.77
CA PHE B 86 -16.32 -10.12 21.02
C PHE B 86 -17.27 -11.29 20.77
N ILE B 87 -18.46 -11.25 21.34
CA ILE B 87 -19.40 -12.35 21.15
C ILE B 87 -19.88 -12.45 19.72
N THR B 88 -19.95 -11.34 18.99
CA THR B 88 -20.29 -11.48 17.58
C THR B 88 -19.13 -12.01 16.75
N LYS B 89 -17.91 -11.61 17.08
CA LYS B 89 -16.76 -12.13 16.33
C LYS B 89 -16.56 -13.62 16.62
N PHE B 90 -16.81 -14.02 17.86
CA PHE B 90 -16.66 -15.43 18.22
C PHE B 90 -17.67 -16.26 17.42
N LYS B 91 -18.91 -15.78 17.36
CA LYS B 91 -19.96 -16.48 16.63
C LYS B 91 -19.60 -16.63 15.16
N LYS B 92 -19.12 -15.56 14.53
CA LYS B 92 -18.71 -15.65 13.14
C LYS B 92 -17.52 -16.60 12.96
N TYR B 93 -16.55 -16.52 13.86
CA TYR B 93 -15.35 -17.31 13.71
C TYR B 93 -15.59 -18.80 13.93
N TYR B 94 -16.47 -19.15 14.87
CA TYR B 94 -16.71 -20.56 15.17
C TYR B 94 -18.11 -21.04 14.77
N GLN B 95 -19.03 -20.10 14.63
CA GLN B 95 -20.44 -20.39 14.39
C GLN B 95 -21.15 -21.19 15.49
N ILE B 96 -20.62 -21.09 16.70
CA ILE B 96 -21.35 -21.43 17.91
C ILE B 96 -21.10 -20.30 18.90
N THR B 97 -21.91 -20.24 19.95
CA THR B 97 -21.70 -19.21 20.97
C THR B 97 -20.76 -19.72 22.05
N PRO B 98 -20.14 -18.79 22.78
CA PRO B 98 -19.28 -19.21 23.91
C PRO B 98 -20.03 -20.15 24.86
N LYS B 99 -21.28 -19.84 25.16
CA LYS B 99 -22.11 -20.71 26.00
C LYS B 99 -22.21 -22.11 25.40
N GLN B 100 -22.46 -22.18 24.10
CA GLN B 100 -22.57 -23.46 23.41
C GLN B 100 -21.25 -24.22 23.44
N TYR B 101 -20.14 -23.51 23.33
CA TYR B 101 -18.84 -24.15 23.40
C TYR B 101 -18.58 -24.75 24.79
N ARG B 102 -19.16 -24.12 25.82
CA ARG B 102 -19.01 -24.56 27.21
C ARG B 102 -19.96 -25.68 27.63
N GLU B 103 -21.06 -25.84 26.90
CA GLU B 103 -22.03 -26.86 27.24
C GLU B 103 -21.41 -28.24 27.11
N ASN C 2 11.50 40.11 -1.59
CA ASN C 2 10.33 39.65 -0.85
C ASN C 2 9.96 38.20 -1.16
N ALA C 3 10.25 37.78 -2.39
CA ALA C 3 9.81 36.48 -2.88
C ALA C 3 10.49 35.31 -2.17
N LYS C 4 11.67 35.55 -1.64
CA LYS C 4 12.41 34.51 -0.94
C LYS C 4 11.65 34.05 0.32
N GLU C 5 11.20 35.01 1.12
CA GLU C 5 10.50 34.69 2.36
C GLU C 5 9.24 33.90 2.08
N LEU C 6 8.55 34.28 1.02
CA LEU C 6 7.28 33.65 0.69
C LEU C 6 7.48 32.24 0.13
N ILE C 7 8.53 32.07 -0.67
CA ILE C 7 8.82 30.74 -1.20
C ILE C 7 9.29 29.81 -0.08
N GLN C 8 10.11 30.34 0.81
CA GLN C 8 10.48 29.64 2.03
C GLN C 8 9.23 29.09 2.73
N ASN C 9 8.22 29.95 2.88
CA ASN C 9 7.03 29.56 3.63
C ASN C 9 6.30 28.41 2.98
N ILE C 10 6.03 28.54 1.68
CA ILE C 10 5.27 27.53 0.99
C ILE C 10 6.01 26.19 1.04
N ILE C 11 7.33 26.22 0.95
CA ILE C 11 8.11 24.99 1.03
C ILE C 11 7.98 24.35 2.42
N GLU C 12 8.11 25.15 3.46
CA GLU C 12 7.90 24.68 4.83
C GLU C 12 6.53 24.00 5.02
N GLU C 13 5.52 24.46 4.28
CA GLU C 13 4.18 23.90 4.38
C GLU C 13 4.00 22.67 3.49
N SER C 14 4.96 22.42 2.61
CA SER C 14 4.79 21.38 1.59
C SER C 14 5.78 20.22 1.66
N TYR C 15 6.87 20.38 2.41
CA TYR C 15 8.02 19.46 2.34
C TYR C 15 7.77 18.03 2.85
N THR C 16 6.73 17.84 3.67
CA THR C 16 6.42 16.52 4.21
C THR C 16 5.68 15.65 3.19
N ASP C 17 5.27 16.26 2.08
CA ASP C 17 4.66 15.53 0.98
C ASP C 17 5.72 15.05 -0.02
N SER C 18 5.92 13.72 -0.07
CA SER C 18 6.92 13.13 -0.94
C SER C 18 6.68 13.48 -2.40
N GLN C 19 5.46 13.91 -2.70
CA GLN C 19 5.09 14.25 -4.07
C GLN C 19 5.41 15.71 -4.42
N PHE C 20 5.79 16.50 -3.42
CA PHE C 20 6.09 17.90 -3.63
C PHE C 20 7.42 18.07 -4.35
N THR C 21 7.39 18.61 -5.56
CA THR C 21 8.56 18.76 -6.41
C THR C 21 8.61 20.16 -7.05
N LEU C 22 9.74 20.45 -7.69
CA LEU C 22 9.88 21.71 -8.41
C LEU C 22 8.72 21.92 -9.39
N SER C 23 8.34 20.86 -10.09
CA SER C 23 7.28 20.94 -11.09
C SER C 23 5.94 21.28 -10.48
N VAL C 24 5.70 20.78 -9.27
CA VAL C 24 4.50 21.10 -8.52
C VAL C 24 4.43 22.60 -8.23
N LEU C 25 5.50 23.11 -7.65
CA LEU C 25 5.54 24.51 -7.28
C LEU C 25 5.35 25.40 -8.52
N SER C 26 6.11 25.13 -9.58
CA SER C 26 5.97 25.93 -10.80
C SER C 26 4.54 25.91 -11.34
N GLU C 27 3.90 24.75 -11.28
CA GLU C 27 2.51 24.61 -11.67
C GLU C 27 1.64 25.58 -10.87
N LYS C 28 1.73 25.50 -9.55
CA LYS C 28 0.94 26.36 -8.68
C LYS C 28 1.11 27.84 -9.02
N LEU C 29 2.32 28.22 -9.35
CA LEU C 29 2.65 29.62 -9.62
C LEU C 29 2.44 30.00 -11.08
N ASP C 30 1.89 29.08 -11.87
CA ASP C 30 1.75 29.27 -13.31
C ASP C 30 3.04 29.75 -13.95
N LEU C 31 4.11 29.01 -13.68
CA LEU C 31 5.42 29.27 -14.29
C LEU C 31 5.96 27.96 -14.84
N SER C 32 6.92 28.04 -15.75
CA SER C 32 7.61 26.83 -16.19
C SER C 32 8.64 26.46 -15.14
N SER C 33 8.90 25.16 -15.00
CA SER C 33 9.88 24.68 -14.04
C SER C 33 11.24 25.30 -14.31
N GLY C 34 11.56 25.46 -15.58
CA GLY C 34 12.83 26.03 -15.98
C GLY C 34 13.00 27.46 -15.47
N TYR C 35 11.91 28.23 -15.53
CA TYR C 35 11.97 29.62 -15.05
C TYR C 35 12.01 29.68 -13.53
N LEU C 36 11.12 28.93 -12.89
CA LEU C 36 11.14 28.86 -11.43
C LEU C 36 12.53 28.44 -10.99
N SER C 37 13.10 27.52 -11.74
CA SER C 37 14.41 26.99 -11.42
C SER C 37 15.45 28.09 -11.28
N ILE C 38 15.59 28.94 -12.28
CA ILE C 38 16.62 29.98 -12.17
C ILE C 38 16.22 31.11 -11.21
N PHE C 40 14.54 30.60 -8.50
CA PHE C 40 14.86 30.04 -7.19
C PHE C 40 16.36 30.12 -6.88
N LYS C 41 17.19 29.68 -7.81
CA LYS C 41 18.62 29.72 -7.60
C LYS C 41 19.09 31.16 -7.44
N LYS C 42 18.51 32.05 -8.24
CA LYS C 42 18.76 33.48 -8.13
C LYS C 42 18.60 33.91 -6.69
N ASN C 43 17.44 33.61 -6.11
CA ASN C 43 17.11 34.06 -4.76
C ASN C 43 17.78 33.27 -3.64
N PHE C 44 17.96 31.97 -3.84
CA PHE C 44 18.44 31.13 -2.74
C PHE C 44 19.93 30.81 -2.83
N GLY C 45 20.48 30.84 -4.04
CA GLY C 45 21.89 30.57 -4.24
C GLY C 45 22.17 29.13 -4.56
N ILE C 46 21.19 28.28 -4.30
CA ILE C 46 21.30 26.86 -4.57
C ILE C 46 20.06 26.37 -5.30
N PRO C 47 20.13 25.18 -5.92
CA PRO C 47 19.00 24.64 -6.66
C PRO C 47 17.84 24.29 -5.74
N PHE C 48 16.62 24.47 -6.22
CA PHE C 48 15.43 24.11 -5.45
C PHE C 48 15.59 22.72 -4.83
N GLN C 49 16.08 21.77 -5.62
CA GLN C 49 16.18 20.37 -5.18
C GLN C 49 17.08 20.20 -3.96
N ASP C 50 18.22 20.89 -3.98
CA ASP C 50 19.17 20.82 -2.88
C ASP C 50 18.66 21.56 -1.64
N TYR C 51 17.87 22.60 -1.84
CA TYR C 51 17.27 23.31 -0.73
C TYR C 51 16.26 22.41 -0.03
N LEU C 52 15.41 21.77 -0.82
CA LEU C 52 14.40 20.89 -0.29
C LEU C 52 15.04 19.74 0.47
N LEU C 53 16.04 19.11 -0.15
CA LEU C 53 16.76 18.01 0.49
C LEU C 53 17.32 18.44 1.85
N GLN C 54 17.93 19.63 1.88
CA GLN C 54 18.52 20.14 3.12
C GLN C 54 17.48 20.32 4.23
N LYS C 55 16.33 20.90 3.91
CA LYS C 55 15.25 21.03 4.88
C LYS C 55 14.81 19.67 5.42
N ARG C 56 14.73 18.69 4.54
CA ARG C 56 14.26 17.37 4.94
C ARG C 56 15.25 16.68 5.87
N GLU C 58 17.46 18.33 7.80
CA GLU C 58 17.43 19.06 9.06
C GLU C 58 16.26 18.59 9.91
N LYS C 59 15.08 18.48 9.30
CA LYS C 59 13.93 17.99 10.04
C LYS C 59 14.16 16.54 10.55
N ALA C 60 14.79 15.70 9.75
CA ALA C 60 15.06 14.34 10.18
C ALA C 60 16.00 14.32 11.39
N LYS C 61 16.99 15.21 11.38
CA LYS C 61 17.90 15.32 12.52
C LYS C 61 17.16 15.71 13.80
N LEU C 62 16.26 16.67 13.67
CA LEU C 62 15.44 17.08 14.81
C LEU C 62 14.68 15.86 15.35
N LEU C 63 13.94 15.18 14.48
CA LEU C 63 13.16 14.03 14.92
C LEU C 63 14.01 12.92 15.53
N LEU C 64 15.21 12.70 15.00
CA LEU C 64 16.09 11.67 15.51
C LEU C 64 16.52 12.01 16.94
N LEU C 65 16.88 13.27 17.16
CA LEU C 65 17.35 13.69 18.47
C LEU C 65 16.23 13.86 19.50
N THR C 66 15.02 14.12 19.03
CA THR C 66 13.92 14.50 19.92
C THR C 66 12.81 13.46 20.07
N THR C 67 12.90 12.34 19.35
CA THR C 67 11.87 11.31 19.46
C THR C 67 12.44 9.90 19.49
N GLU C 68 11.55 8.92 19.67
CA GLU C 68 11.92 7.51 19.58
C GLU C 68 11.46 6.89 18.24
N LEU C 69 11.04 7.74 17.31
CA LEU C 69 10.48 7.28 16.04
C LEU C 69 11.50 6.45 15.27
N LYS C 70 11.01 5.41 14.60
CA LYS C 70 11.87 4.58 13.75
C LYS C 70 12.28 5.32 12.46
N ASN C 71 13.38 4.89 11.86
CA ASN C 71 13.80 5.44 10.58
C ASN C 71 12.70 5.52 9.54
N TYR C 72 11.95 4.44 9.36
CA TYR C 72 10.88 4.42 8.35
C TYR C 72 9.79 5.46 8.64
N GLU C 73 9.58 5.78 9.93
CA GLU C 73 8.60 6.80 10.34
C GLU C 73 9.13 8.21 10.12
N ILE C 74 10.42 8.38 10.35
CA ILE C 74 11.03 9.69 10.14
C ILE C 74 11.08 9.99 8.64
N ALA C 75 11.47 9.01 7.85
CA ALA C 75 11.46 9.15 6.40
C ALA C 75 10.06 9.57 5.91
N GLU C 76 9.03 8.90 6.40
CA GLU C 76 7.68 9.25 5.98
C GLU C 76 7.32 10.68 6.37
N GLN C 77 7.67 11.08 7.59
CA GLN C 77 7.32 12.39 8.12
C GLN C 77 8.08 13.59 7.52
N VAL C 78 9.25 13.38 6.96
CA VAL C 78 9.99 14.51 6.38
C VAL C 78 9.87 14.51 4.87
N GLY C 79 8.96 13.68 4.36
CA GLY C 79 8.68 13.68 2.95
C GLY C 79 9.65 12.91 2.09
N PHE C 80 10.30 11.89 2.64
CA PHE C 80 11.10 10.99 1.82
C PHE C 80 10.27 9.83 1.26
N GLU C 81 10.44 9.56 -0.03
CA GLU C 81 9.67 8.51 -0.68
C GLU C 81 9.73 7.15 0.04
N ASP C 82 10.89 6.81 0.60
CA ASP C 82 11.10 5.53 1.26
C ASP C 82 12.32 5.55 2.21
N VAL C 83 12.32 4.62 3.17
CA VAL C 83 13.28 4.63 4.27
C VAL C 83 14.68 4.28 3.79
N ASN C 84 14.74 3.40 2.80
CA ASN C 84 16.01 3.00 2.23
C ASN C 84 16.79 4.17 1.64
N TYR C 85 16.12 4.95 0.79
CA TYR C 85 16.78 6.11 0.21
C TYR C 85 17.13 7.12 1.32
N PHE C 86 16.28 7.24 2.33
CA PHE C 86 16.56 8.16 3.44
C PHE C 86 17.81 7.77 4.23
N ILE C 87 17.90 6.51 4.64
CA ILE C 87 19.02 6.05 5.44
C ILE C 87 20.33 6.21 4.69
N THR C 88 20.35 5.69 3.47
CA THR C 88 21.53 5.77 2.61
C THR C 88 21.89 7.21 2.27
N LYS C 89 20.89 8.04 1.97
CA LYS C 89 21.11 9.47 1.72
C LYS C 89 21.67 10.16 2.96
N PHE C 90 21.10 9.87 4.12
CA PHE C 90 21.55 10.45 5.39
C PHE C 90 23.02 10.10 5.66
N LYS C 91 23.40 8.88 5.32
CA LYS C 91 24.78 8.42 5.50
C LYS C 91 25.73 9.20 4.60
N LYS C 92 25.49 9.16 3.29
CA LYS C 92 26.26 9.93 2.31
C LYS C 92 26.29 11.43 2.65
N TYR C 93 25.18 11.94 3.16
CA TYR C 93 25.03 13.37 3.41
C TYR C 93 25.80 13.83 4.65
N TYR C 94 25.75 13.05 5.72
CA TYR C 94 26.35 13.44 7.00
C TYR C 94 27.42 12.48 7.51
N GLN C 95 27.83 11.54 6.66
CA GLN C 95 28.88 10.55 6.97
C GLN C 95 28.70 9.80 8.30
N ILE C 96 27.45 9.61 8.68
CA ILE C 96 27.07 8.92 9.92
C ILE C 96 25.63 8.42 9.73
N THR C 97 25.28 7.31 10.37
CA THR C 97 23.92 6.76 10.24
C THR C 97 22.94 7.47 11.15
N PRO C 98 21.64 7.40 10.83
CA PRO C 98 20.63 7.93 11.76
C PRO C 98 20.78 7.34 13.17
N LYS C 99 20.97 6.03 13.28
CA LYS C 99 21.11 5.39 14.59
C LYS C 99 22.32 5.94 15.36
N GLN C 100 23.45 6.04 14.69
CA GLN C 100 24.67 6.54 15.34
C GLN C 100 24.53 8.00 15.69
N TYR C 101 23.80 8.73 14.85
CA TYR C 101 23.60 10.14 15.07
C TYR C 101 22.79 10.37 16.34
N ARG C 102 21.82 9.50 16.60
CA ARG C 102 20.93 9.72 17.73
C ARG C 102 21.42 9.03 19.00
N GLU C 103 22.36 8.10 18.85
CA GLU C 103 22.92 7.36 19.98
C GLU C 103 23.40 8.26 21.12
N SER D 1 16.24 -12.43 -11.63
CA SER D 1 14.92 -13.04 -11.56
C SER D 1 13.98 -12.49 -12.63
N ASN D 2 12.84 -13.14 -12.82
CA ASN D 2 11.84 -12.62 -13.74
C ASN D 2 11.24 -11.33 -13.17
N ALA D 3 11.27 -11.22 -11.84
CA ALA D 3 10.86 -10.01 -11.14
C ALA D 3 11.80 -8.85 -11.48
N LYS D 4 13.10 -9.10 -11.38
CA LYS D 4 14.09 -8.11 -11.73
C LYS D 4 13.88 -7.66 -13.18
N GLU D 5 13.63 -8.63 -14.06
CA GLU D 5 13.45 -8.34 -15.48
C GLU D 5 12.23 -7.47 -15.80
N LEU D 6 11.09 -7.72 -15.17
CA LEU D 6 9.96 -6.90 -15.57
C LEU D 6 10.02 -5.51 -14.95
N ILE D 7 10.73 -5.38 -13.82
CA ILE D 7 11.07 -4.06 -13.28
C ILE D 7 12.06 -3.33 -14.19
N GLN D 8 13.17 -4.00 -14.53
CA GLN D 8 14.15 -3.43 -15.47
C GLN D 8 13.45 -2.88 -16.68
N ASN D 9 12.54 -3.68 -17.20
CA ASN D 9 11.80 -3.34 -18.41
C ASN D 9 10.93 -2.11 -18.23
N ILE D 10 10.20 -2.05 -17.13
CA ILE D 10 9.34 -0.90 -16.87
C ILE D 10 10.18 0.37 -16.79
N ILE D 11 11.31 0.29 -16.09
CA ILE D 11 12.18 1.45 -15.92
C ILE D 11 12.76 1.87 -17.28
N GLU D 12 13.25 0.91 -18.05
CA GLU D 12 13.84 1.21 -19.37
C GLU D 12 12.87 1.98 -20.27
N GLU D 13 11.58 1.80 -20.07
CA GLU D 13 10.59 2.43 -20.93
C GLU D 13 9.96 3.67 -20.34
N SER D 14 10.39 4.07 -19.14
CA SER D 14 9.77 5.22 -18.49
C SER D 14 10.78 6.26 -18.02
N TYR D 15 12.05 5.89 -18.00
CA TYR D 15 13.05 6.69 -17.29
C TYR D 15 13.26 8.10 -17.87
N THR D 16 12.89 8.31 -19.14
CA THR D 16 13.07 9.61 -19.76
C THR D 16 11.95 10.59 -19.41
N ASP D 17 10.92 10.08 -18.75
CA ASP D 17 9.80 10.91 -18.30
C ASP D 17 10.14 11.47 -16.92
N SER D 18 10.09 12.80 -16.78
CA SER D 18 10.50 13.44 -15.53
C SER D 18 9.53 13.15 -14.37
N GLN D 19 8.32 12.72 -14.71
CA GLN D 19 7.33 12.36 -13.70
C GLN D 19 7.49 10.91 -13.22
N PHE D 20 8.37 10.17 -13.88
CA PHE D 20 8.61 8.81 -13.46
C PHE D 20 9.43 8.76 -12.19
N THR D 21 8.79 8.29 -11.11
CA THR D 21 9.42 8.21 -9.81
C THR D 21 9.06 6.88 -9.13
N LEU D 22 9.57 6.68 -7.91
CA LEU D 22 9.28 5.48 -7.15
C LEU D 22 7.78 5.23 -7.01
N SER D 23 7.03 6.30 -6.69
CA SER D 23 5.58 6.25 -6.59
C SER D 23 4.95 5.71 -7.86
N VAL D 24 5.48 6.14 -9.00
CA VAL D 24 4.90 5.71 -10.28
C VAL D 24 5.24 4.24 -10.56
N LEU D 25 6.47 3.83 -10.26
CA LEU D 25 6.83 2.43 -10.39
C LEU D 25 5.92 1.58 -9.52
N SER D 26 5.67 2.05 -8.30
CA SER D 26 4.71 1.41 -7.40
C SER D 26 3.34 1.22 -8.06
N GLU D 27 2.86 2.26 -8.72
CA GLU D 27 1.58 2.17 -9.41
C GLU D 27 1.64 1.07 -10.48
N LYS D 28 2.72 1.05 -11.24
CA LYS D 28 2.86 0.10 -12.34
C LYS D 28 2.98 -1.35 -11.84
N LEU D 29 3.51 -1.56 -10.64
CA LEU D 29 3.61 -2.91 -10.10
C LEU D 29 2.45 -3.29 -9.20
N ASP D 30 1.58 -2.32 -8.91
CA ASP D 30 0.51 -2.51 -7.95
C ASP D 30 1.04 -2.94 -6.58
N LEU D 31 2.10 -2.26 -6.14
CA LEU D 31 2.71 -2.48 -4.83
C LEU D 31 3.11 -1.16 -4.20
N SER D 32 2.78 -0.97 -2.93
CA SER D 32 3.06 0.29 -2.23
C SER D 32 4.55 0.61 -2.18
N SER D 33 4.87 1.90 -2.06
CA SER D 33 6.24 2.36 -1.89
C SER D 33 6.96 1.72 -0.72
N GLY D 34 6.24 1.50 0.39
CA GLY D 34 6.85 0.87 1.55
C GLY D 34 7.39 -0.50 1.20
N TYR D 35 6.56 -1.31 0.55
CA TYR D 35 7.04 -2.61 0.11
C TYR D 35 8.12 -2.52 -0.98
N LEU D 36 7.84 -1.76 -2.04
CA LEU D 36 8.73 -1.70 -3.19
C LEU D 36 10.14 -1.22 -2.80
N SER D 37 10.21 -0.24 -1.92
CA SER D 37 11.47 0.27 -1.43
C SER D 37 12.43 -0.87 -1.06
N ILE D 38 11.95 -1.74 -0.18
CA ILE D 38 12.71 -2.86 0.33
C ILE D 38 12.98 -3.91 -0.73
N PHE D 40 12.94 -3.63 -3.97
CA PHE D 40 13.83 -3.18 -5.03
C PHE D 40 15.27 -3.35 -4.61
N LYS D 41 15.63 -2.87 -3.43
CA LYS D 41 17.01 -3.01 -3.00
C LYS D 41 17.42 -4.48 -2.90
N LYS D 42 16.48 -5.34 -2.50
CA LYS D 42 16.75 -6.76 -2.43
C LYS D 42 17.21 -7.27 -3.79
N ASN D 43 16.51 -6.85 -4.84
CA ASN D 43 16.80 -7.35 -6.16
C ASN D 43 17.96 -6.63 -6.87
N PHE D 44 18.11 -5.34 -6.60
CA PHE D 44 19.08 -4.52 -7.33
C PHE D 44 20.31 -4.14 -6.51
N GLY D 45 20.19 -4.18 -5.18
CA GLY D 45 21.33 -3.86 -4.32
C GLY D 45 21.53 -2.38 -4.01
N ILE D 46 20.89 -1.50 -4.78
CA ILE D 46 20.91 -0.09 -4.47
C ILE D 46 19.49 0.47 -4.52
N PRO D 47 19.25 1.63 -3.89
CA PRO D 47 17.91 2.21 -3.96
C PRO D 47 17.52 2.52 -5.39
N PHE D 48 16.21 2.47 -5.64
CA PHE D 48 15.66 2.76 -6.96
C PHE D 48 16.12 4.12 -7.50
N GLN D 49 16.16 5.13 -6.64
CA GLN D 49 16.48 6.49 -7.03
C GLN D 49 17.89 6.57 -7.61
N ASP D 50 18.83 5.83 -7.03
CA ASP D 50 20.19 5.80 -7.54
C ASP D 50 20.26 5.01 -8.84
N TYR D 51 19.46 3.95 -8.94
CA TYR D 51 19.45 3.16 -10.17
C TYR D 51 18.92 4.02 -11.31
N LEU D 52 17.91 4.84 -11.00
CA LEU D 52 17.27 5.69 -12.00
C LEU D 52 18.23 6.80 -12.44
N LEU D 53 18.91 7.39 -11.47
CA LEU D 53 19.86 8.46 -11.77
C LEU D 53 20.96 7.95 -12.68
N GLN D 54 21.48 6.78 -12.38
CA GLN D 54 22.59 6.25 -13.17
C GLN D 54 22.16 6.06 -14.61
N LYS D 55 20.95 5.53 -14.78
CA LYS D 55 20.47 5.25 -16.11
C LYS D 55 20.33 6.57 -16.87
N ARG D 56 19.88 7.60 -16.16
CA ARG D 56 19.71 8.89 -16.79
C ARG D 56 21.04 9.54 -17.12
N GLU D 58 23.87 8.00 -17.82
CA GLU D 58 24.48 7.33 -18.96
C GLU D 58 23.84 7.73 -20.29
N LYS D 59 22.53 7.91 -20.30
CA LYS D 59 21.85 8.34 -21.53
C LYS D 59 22.33 9.73 -21.86
N ALA D 60 22.46 10.57 -20.83
CA ALA D 60 22.83 11.96 -21.03
C ALA D 60 24.25 12.04 -21.62
N LYS D 61 25.14 11.24 -21.06
CA LYS D 61 26.50 11.18 -21.54
C LYS D 61 26.52 10.74 -23.01
N LEU D 62 25.75 9.70 -23.32
CA LEU D 62 25.62 9.20 -24.68
C LEU D 62 25.15 10.29 -25.66
N LEU D 63 24.07 10.98 -25.31
CA LEU D 63 23.54 12.07 -26.13
C LEU D 63 24.54 13.21 -26.30
N LEU D 64 25.22 13.54 -25.21
CA LEU D 64 26.22 14.61 -25.22
C LEU D 64 27.31 14.31 -26.25
N LEU D 65 27.65 13.03 -26.36
CA LEU D 65 28.79 12.63 -27.18
C LEU D 65 28.41 12.27 -28.61
N THR D 66 27.12 12.09 -28.87
CA THR D 66 26.71 11.58 -30.17
C THR D 66 25.68 12.43 -30.90
N THR D 67 25.30 13.57 -30.31
CA THR D 67 24.34 14.45 -30.95
C THR D 67 24.73 15.90 -30.79
N GLU D 68 23.90 16.78 -31.34
N GLU D 68 23.90 16.80 -31.34
CA GLU D 68 24.12 18.21 -31.26
CA GLU D 68 24.14 18.22 -31.24
C GLU D 68 23.05 18.89 -30.39
C GLU D 68 23.13 18.90 -30.31
N LEU D 69 22.37 18.09 -29.57
CA LEU D 69 21.33 18.63 -28.68
C LEU D 69 21.92 19.58 -27.66
N LYS D 70 21.16 20.64 -27.34
CA LYS D 70 21.57 21.56 -26.29
C LYS D 70 21.33 20.89 -24.94
N ASN D 71 21.94 21.45 -23.90
CA ASN D 71 21.82 20.91 -22.57
C ASN D 71 20.37 20.79 -22.13
N TYR D 72 19.58 21.82 -22.44
CA TYR D 72 18.21 21.83 -21.99
C TYR D 72 17.43 20.74 -22.70
N GLU D 73 17.84 20.42 -23.94
CA GLU D 73 17.22 19.30 -24.65
C GLU D 73 17.62 17.96 -24.04
N ILE D 74 18.91 17.78 -23.74
CA ILE D 74 19.35 16.55 -23.12
C ILE D 74 18.64 16.39 -21.77
N ALA D 75 18.58 17.48 -21.01
CA ALA D 75 17.87 17.47 -19.74
C ALA D 75 16.47 16.91 -19.90
N GLU D 76 15.71 17.44 -20.86
CA GLU D 76 14.33 17.00 -21.01
C GLU D 76 14.26 15.55 -21.48
N GLN D 77 15.22 15.14 -22.32
CA GLN D 77 15.18 13.80 -22.87
C GLN D 77 15.67 12.71 -21.92
N VAL D 78 16.26 13.10 -20.80
CA VAL D 78 16.66 12.09 -19.81
C VAL D 78 15.85 12.20 -18.52
N GLY D 79 14.74 12.93 -18.56
CA GLY D 79 13.81 12.92 -17.45
C GLY D 79 14.16 13.84 -16.30
N PHE D 80 14.90 14.91 -16.57
CA PHE D 80 15.12 15.91 -15.54
C PHE D 80 14.10 17.04 -15.65
N GLU D 81 13.81 17.68 -14.53
CA GLU D 81 12.80 18.73 -14.47
C GLU D 81 13.30 20.08 -14.96
N ASP D 82 14.60 20.33 -14.83
CA ASP D 82 15.18 21.59 -15.30
C ASP D 82 16.63 21.41 -15.66
N VAL D 83 17.10 22.24 -16.60
CA VAL D 83 18.43 22.10 -17.15
C VAL D 83 19.50 22.42 -16.11
N ASN D 84 19.19 23.35 -15.23
CA ASN D 84 20.16 23.78 -14.22
C ASN D 84 20.53 22.66 -13.28
N TYR D 85 19.53 21.95 -12.78
CA TYR D 85 19.81 20.83 -11.90
C TYR D 85 20.50 19.72 -12.70
N PHE D 86 20.03 19.48 -13.92
CA PHE D 86 20.65 18.46 -14.76
C PHE D 86 22.14 18.73 -14.88
N ILE D 87 22.47 20.00 -15.13
CA ILE D 87 23.84 20.41 -15.35
C ILE D 87 24.70 20.13 -14.13
N THR D 88 24.22 20.48 -12.95
CA THR D 88 24.99 20.24 -11.73
C THR D 88 25.13 18.75 -11.38
N LYS D 89 24.07 17.97 -11.55
CA LYS D 89 24.16 16.54 -11.27
C LYS D 89 25.12 15.85 -12.22
N PHE D 90 25.04 16.21 -13.49
CA PHE D 90 25.91 15.61 -14.50
C PHE D 90 27.39 15.86 -14.18
N LYS D 91 27.73 17.12 -13.90
CA LYS D 91 29.12 17.48 -13.60
C LYS D 91 29.59 16.74 -12.36
N LYS D 92 28.71 16.66 -11.36
CA LYS D 92 29.03 15.95 -10.15
C LYS D 92 29.19 14.45 -10.43
N TYR D 93 28.20 13.87 -11.10
CA TYR D 93 28.24 12.45 -11.42
C TYR D 93 29.53 12.04 -12.15
N TYR D 94 29.99 12.86 -13.08
CA TYR D 94 31.17 12.50 -13.86
C TYR D 94 32.47 13.19 -13.44
N GLN D 95 32.40 14.00 -12.38
CA GLN D 95 33.47 14.96 -12.06
C GLN D 95 33.37 16.15 -13.00
N SER E 1 -25.69 -8.20 -14.04
CA SER E 1 -25.25 -7.44 -12.86
C SER E 1 -25.39 -8.24 -11.55
N ASN E 2 -26.52 -8.91 -11.38
CA ASN E 2 -26.52 -10.04 -10.48
C ASN E 2 -25.70 -11.09 -11.20
N ALA E 3 -25.97 -11.24 -12.49
CA ALA E 3 -25.28 -12.23 -13.30
C ALA E 3 -23.80 -11.87 -13.44
N LYS E 4 -23.52 -10.58 -13.61
CA LYS E 4 -22.15 -10.12 -13.70
C LYS E 4 -21.34 -10.51 -12.44
N GLU E 5 -21.89 -10.20 -11.26
CA GLU E 5 -21.22 -10.55 -10.01
C GLU E 5 -21.07 -12.05 -9.82
N LEU E 6 -22.07 -12.82 -10.20
CA LEU E 6 -21.97 -14.28 -10.11
C LEU E 6 -20.81 -14.79 -10.97
N ILE E 7 -20.72 -14.30 -12.20
CA ILE E 7 -19.63 -14.66 -13.08
C ILE E 7 -18.30 -14.24 -12.43
N GLN E 8 -18.26 -13.03 -11.88
CA GLN E 8 -17.05 -12.55 -11.22
C GLN E 8 -16.59 -13.47 -10.09
N ASN E 9 -17.54 -13.88 -9.25
CA ASN E 9 -17.29 -14.84 -8.16
C ASN E 9 -16.77 -16.18 -8.65
N ILE E 10 -17.48 -16.78 -9.60
CA ILE E 10 -17.05 -18.06 -10.14
C ILE E 10 -15.62 -17.98 -10.71
N ILE E 11 -15.36 -16.99 -11.54
CA ILE E 11 -14.02 -16.88 -12.12
C ILE E 11 -12.97 -16.67 -11.02
N GLU E 12 -13.27 -15.85 -10.03
CA GLU E 12 -12.27 -15.54 -9.00
C GLU E 12 -11.93 -16.80 -8.21
N GLU E 13 -12.89 -17.71 -8.07
CA GLU E 13 -12.67 -18.95 -7.34
C GLU E 13 -12.14 -20.09 -8.20
N SER E 14 -12.22 -19.95 -9.52
CA SER E 14 -11.89 -21.06 -10.42
C SER E 14 -10.64 -20.86 -11.28
N TYR E 15 -10.12 -19.64 -11.35
CA TYR E 15 -9.09 -19.32 -12.34
C TYR E 15 -7.78 -20.06 -12.14
N THR E 16 -7.50 -20.50 -10.91
CA THR E 16 -6.27 -21.24 -10.63
C THR E 16 -6.41 -22.69 -11.06
N ASP E 17 -7.59 -23.04 -11.58
CA ASP E 17 -7.84 -24.39 -12.07
C ASP E 17 -7.58 -24.47 -13.57
N SER E 18 -6.50 -25.17 -13.94
CA SER E 18 -6.13 -25.30 -15.35
C SER E 18 -7.28 -25.85 -16.20
N GLN E 19 -8.23 -26.49 -15.53
CA GLN E 19 -9.40 -27.08 -16.19
C GLN E 19 -10.56 -26.11 -16.36
N PHE E 20 -10.40 -24.87 -15.91
CA PHE E 20 -11.49 -23.89 -15.99
C PHE E 20 -11.57 -23.25 -17.37
N THR E 21 -12.71 -23.40 -18.02
CA THR E 21 -12.93 -22.85 -19.35
C THR E 21 -14.30 -22.21 -19.45
N LEU E 22 -14.55 -21.61 -20.61
CA LEU E 22 -15.85 -21.05 -20.91
C LEU E 22 -16.99 -22.09 -20.75
N SER E 23 -16.79 -23.31 -21.23
CA SER E 23 -17.88 -24.29 -21.14
C SER E 23 -18.18 -24.70 -19.70
N VAL E 24 -17.14 -24.80 -18.87
CA VAL E 24 -17.33 -25.02 -17.45
C VAL E 24 -18.17 -23.91 -16.82
N LEU E 25 -17.83 -22.66 -17.11
CA LEU E 25 -18.62 -21.55 -16.61
C LEU E 25 -20.04 -21.66 -17.13
N SER E 26 -20.16 -22.05 -18.40
CA SER E 26 -21.45 -22.08 -19.06
C SER E 26 -22.44 -22.98 -18.33
N GLU E 27 -22.03 -24.22 -18.12
CA GLU E 27 -22.86 -25.19 -17.42
C GLU E 27 -23.26 -24.72 -16.03
N LYS E 28 -22.34 -24.03 -15.33
CA LYS E 28 -22.64 -23.60 -13.97
C LYS E 28 -23.76 -22.56 -13.93
N LEU E 29 -23.93 -21.85 -15.04
CA LEU E 29 -24.95 -20.80 -15.11
C LEU E 29 -26.23 -21.34 -15.77
N ASP E 30 -26.13 -22.55 -16.32
CA ASP E 30 -27.18 -23.19 -17.13
C ASP E 30 -27.48 -22.43 -18.42
N LEU E 31 -26.40 -22.04 -19.11
CA LEU E 31 -26.46 -21.21 -20.32
C LEU E 31 -25.64 -21.83 -21.42
N SER E 32 -26.06 -21.66 -22.69
CA SER E 32 -25.22 -22.06 -23.82
C SER E 32 -23.99 -21.19 -23.85
N SER E 33 -22.86 -21.72 -24.31
CA SER E 33 -21.63 -20.96 -24.30
C SER E 33 -21.67 -19.91 -25.40
N GLY E 34 -22.59 -20.06 -26.34
CA GLY E 34 -22.76 -19.09 -27.41
C GLY E 34 -23.43 -17.83 -26.91
N TYR E 35 -24.42 -17.99 -26.03
CA TYR E 35 -25.04 -16.84 -25.39
C TYR E 35 -24.04 -16.20 -24.46
N LEU E 36 -23.31 -17.04 -23.71
CA LEU E 36 -22.40 -16.56 -22.70
C LEU E 36 -21.21 -15.83 -23.31
N SER E 37 -20.76 -16.29 -24.47
CA SER E 37 -19.68 -15.60 -25.19
C SER E 37 -20.04 -14.15 -25.43
N ILE E 38 -21.27 -13.96 -25.86
CA ILE E 38 -21.73 -12.65 -26.25
C ILE E 38 -22.10 -11.84 -25.01
N PHE E 40 -20.90 -12.17 -22.00
CA PHE E 40 -19.68 -11.79 -21.30
C PHE E 40 -19.01 -10.55 -21.92
N LYS E 41 -18.83 -10.59 -23.23
CA LYS E 41 -18.23 -9.48 -23.96
C LYS E 41 -19.01 -8.20 -23.67
N LYS E 42 -20.33 -8.29 -23.66
CA LYS E 42 -21.18 -7.14 -23.41
C LYS E 42 -20.96 -6.55 -22.02
N ASN E 43 -20.82 -7.42 -21.02
CA ASN E 43 -20.74 -6.96 -19.64
C ASN E 43 -19.35 -6.50 -19.22
N PHE E 44 -18.32 -7.07 -19.83
CA PHE E 44 -16.95 -6.85 -19.39
C PHE E 44 -16.11 -6.10 -20.40
N GLY E 45 -16.60 -5.97 -21.63
CA GLY E 45 -15.89 -5.23 -22.66
C GLY E 45 -14.79 -6.01 -23.35
N ILE E 46 -14.54 -7.24 -22.91
CA ILE E 46 -13.54 -8.12 -23.54
C ILE E 46 -14.01 -9.58 -23.50
N PRO E 47 -13.43 -10.44 -24.36
CA PRO E 47 -13.78 -11.86 -24.36
C PRO E 47 -13.44 -12.56 -23.05
N PHE E 48 -14.21 -13.59 -22.70
CA PHE E 48 -13.94 -14.40 -21.53
C PHE E 48 -12.48 -14.86 -21.50
N GLN E 49 -12.03 -15.41 -22.61
CA GLN E 49 -10.67 -15.94 -22.72
C GLN E 49 -9.65 -14.89 -22.30
N ASP E 50 -9.86 -13.65 -22.72
CA ASP E 50 -8.94 -12.57 -22.42
C ASP E 50 -9.04 -12.18 -20.95
N TYR E 51 -10.26 -12.09 -20.44
CA TYR E 51 -10.49 -11.85 -19.01
C TYR E 51 -9.78 -12.88 -18.14
N LEU E 52 -9.96 -14.16 -18.48
CA LEU E 52 -9.35 -15.25 -17.72
C LEU E 52 -7.83 -15.14 -17.74
N LEU E 53 -7.29 -14.93 -18.94
CA LEU E 53 -5.85 -14.77 -19.10
C LEU E 53 -5.31 -13.63 -18.24
N GLN E 54 -5.99 -12.49 -18.26
CA GLN E 54 -5.57 -11.33 -17.48
C GLN E 54 -5.53 -11.60 -15.98
N LYS E 55 -6.53 -12.34 -15.49
CA LYS E 55 -6.58 -12.69 -14.08
C LYS E 55 -5.39 -13.57 -13.72
N ARG E 56 -5.14 -14.57 -14.54
CA ARG E 56 -4.00 -15.45 -14.33
C ARG E 56 -2.69 -14.66 -14.39
N GLU E 58 -2.04 -11.41 -13.88
CA GLU E 58 -1.85 -10.45 -12.81
C GLU E 58 -1.53 -11.14 -11.48
N LYS E 59 -2.09 -12.33 -11.28
CA LYS E 59 -1.72 -13.14 -10.13
C LYS E 59 -0.26 -13.59 -10.26
N ALA E 60 0.14 -14.04 -11.45
CA ALA E 60 1.52 -14.47 -11.67
C ALA E 60 2.49 -13.34 -11.35
N LYS E 61 2.15 -12.14 -11.79
CA LYS E 61 2.98 -10.98 -11.56
C LYS E 61 3.07 -10.74 -10.06
N LEU E 62 1.94 -10.73 -9.37
CA LEU E 62 1.94 -10.58 -7.92
C LEU E 62 2.89 -11.60 -7.27
N LEU E 63 2.82 -12.86 -7.69
CA LEU E 63 3.67 -13.88 -7.10
C LEU E 63 5.16 -13.67 -7.40
N LEU E 64 5.47 -13.26 -8.63
CA LEU E 64 6.86 -12.97 -9.02
C LEU E 64 7.46 -11.84 -8.18
N LEU E 65 6.65 -10.84 -7.88
CA LEU E 65 7.12 -9.64 -7.22
C LEU E 65 7.27 -9.81 -5.71
N THR E 66 6.52 -10.74 -5.13
CA THR E 66 6.42 -10.82 -3.68
C THR E 66 6.86 -12.16 -3.07
N THR E 67 7.12 -13.14 -3.91
CA THR E 67 7.56 -14.45 -3.41
C THR E 67 8.82 -14.92 -4.12
N GLU E 68 9.36 -16.04 -3.64
CA GLU E 68 10.50 -16.67 -4.26
C GLU E 68 10.12 -17.85 -5.15
N LEU E 69 8.82 -18.06 -5.33
CA LEU E 69 8.34 -19.20 -6.11
C LEU E 69 9.00 -19.34 -7.47
N LYS E 70 9.23 -20.57 -7.91
CA LYS E 70 9.81 -20.83 -9.21
C LYS E 70 8.75 -20.67 -10.28
N ASN E 71 9.17 -20.47 -11.52
CA ASN E 71 8.22 -20.29 -12.61
C ASN E 71 7.23 -21.45 -12.70
N TYR E 72 7.72 -22.66 -12.49
CA TYR E 72 6.85 -23.82 -12.59
C TYR E 72 5.84 -23.83 -11.44
N GLU E 73 6.24 -23.31 -10.28
CA GLU E 73 5.33 -23.23 -9.15
C GLU E 73 4.23 -22.20 -9.40
N ILE E 74 4.63 -21.06 -9.94
CA ILE E 74 3.69 -20.01 -10.29
C ILE E 74 2.72 -20.46 -11.38
N ALA E 75 3.25 -20.99 -12.48
CA ALA E 75 2.44 -21.53 -13.57
C ALA E 75 1.31 -22.39 -13.02
N GLU E 76 1.62 -23.19 -12.01
CA GLU E 76 0.65 -24.11 -11.45
C GLU E 76 -0.34 -23.39 -10.54
N GLN E 77 0.13 -22.36 -9.85
CA GLN E 77 -0.73 -21.64 -8.91
C GLN E 77 -1.71 -20.68 -9.59
N VAL E 78 -1.52 -20.44 -10.88
CA VAL E 78 -2.42 -19.59 -11.64
C VAL E 78 -3.02 -20.34 -12.83
N GLY E 79 -3.08 -21.66 -12.70
CA GLY E 79 -3.88 -22.46 -13.61
C GLY E 79 -3.28 -22.83 -14.94
N PHE E 80 -1.96 -22.85 -15.01
CA PHE E 80 -1.31 -23.26 -16.24
C PHE E 80 -0.71 -24.65 -16.13
N GLU E 81 -0.91 -25.44 -17.18
CA GLU E 81 -0.40 -26.80 -17.23
C GLU E 81 1.05 -26.79 -17.72
N ASP E 82 1.26 -26.34 -18.95
CA ASP E 82 2.60 -26.28 -19.52
C ASP E 82 3.31 -25.01 -19.07
N VAL E 83 4.44 -25.18 -18.38
CA VAL E 83 5.22 -24.03 -17.92
C VAL E 83 5.80 -23.24 -19.09
N ASN E 84 6.13 -23.94 -20.18
CA ASN E 84 6.65 -23.32 -21.39
C ASN E 84 5.65 -22.35 -22.02
N TYR E 85 4.41 -22.80 -22.11
CA TYR E 85 3.33 -21.96 -22.61
C TYR E 85 3.11 -20.80 -21.64
N PHE E 86 3.31 -21.07 -20.36
CA PHE E 86 3.18 -20.01 -19.35
C PHE E 86 4.23 -18.92 -19.56
N ILE E 87 5.50 -19.31 -19.58
CA ILE E 87 6.60 -18.36 -19.73
C ILE E 87 6.41 -17.51 -20.97
N THR E 88 6.06 -18.15 -22.08
CA THR E 88 5.92 -17.44 -23.34
C THR E 88 4.75 -16.46 -23.23
N LYS E 89 3.66 -16.92 -22.63
CA LYS E 89 2.47 -16.10 -22.47
C LYS E 89 2.74 -14.96 -21.50
N PHE E 90 3.45 -15.24 -20.41
CA PHE E 90 3.79 -14.18 -19.48
C PHE E 90 4.68 -13.12 -20.13
N LYS E 91 5.67 -13.59 -20.90
CA LYS E 91 6.54 -12.69 -21.65
C LYS E 91 5.73 -11.84 -22.62
N LYS E 92 5.00 -12.51 -23.50
CA LYS E 92 4.18 -11.83 -24.50
C LYS E 92 3.19 -10.87 -23.89
N TYR E 93 2.61 -11.26 -22.75
CA TYR E 93 1.56 -10.47 -22.14
C TYR E 93 2.07 -9.14 -21.58
N TYR E 94 3.22 -9.18 -20.92
CA TYR E 94 3.76 -7.98 -20.30
C TYR E 94 4.87 -7.35 -21.13
N GLN E 95 4.95 -7.75 -22.39
CA GLN E 95 5.99 -7.23 -23.28
C GLN E 95 5.69 -5.78 -23.66
N ILE E 96 6.54 -4.87 -23.20
CA ILE E 96 6.45 -3.49 -23.60
C ILE E 96 7.14 -3.37 -24.96
N THR E 97 6.42 -2.82 -25.94
CA THR E 97 6.95 -2.80 -27.31
C THR E 97 7.52 -1.43 -27.68
#